data_4Z2G
#
_entry.id   4Z2G
#
_cell.length_a   96.980
_cell.length_b   96.980
_cell.length_c   193.840
_cell.angle_alpha   90.00
_cell.angle_beta   90.00
_cell.angle_gamma   90.00
#
_symmetry.space_group_name_H-M   'P 43 21 2'
#
loop_
_entity.id
_entity.type
_entity.pdbx_description
1 polymer 'Chitinase B'
2 non-polymer "(1R,2R,3R,6R,7S,8S,9R,10R,12R,13S,17S)-3-ethyl-2,10-dihydroxy-2,6,8,10,12,15,15,17-octamethyl-5-oxo-9-(prop-2-yn-1-yloxy)-4,14,16-trioxabicyclo[11.3.1]heptadec-7-yl {4-[N'-(methylcarbamoyl)carbamimidamido]butyl}carbamate"
3 water water
#
_entity_poly.entity_id   1
_entity_poly.type   'polypeptide(L)'
_entity_poly.pdbx_seq_one_letter_code
;DPSSRSTRKAVIGYYFIPTNQINNYTETDTSVVPFPVSNITPAKAKQLTHINFSFLDINSNLECAWDPATNDAKARDVVN
RLTALKAHNPSLRIMFSIGGWYYSNDLGVSHANYVNAVKTPAARTKFAQSCVRIMKDYGFDGVDIDWEYPQAAEVDGFIA
ALQEIRTLLNQQTIADGRQALPYQLTIAGAGGAFFLSRYYSKLAQIVAPLDYINLMTYDLAGPWEKITNHQAALFGDAAG
PTFYNALREANLGWSWEELTRAFPSPFSLTVDAAVQQHLMMEGVPSAKIVMGVPFYGRAFKGVSGGNGGQYSSHSTPGED
PYPNADYWLVGCDECVRDKDPRIASYRQLEQMLQGNYGYQRLWNDKTKTPYLYHAQNGLFVTYDDAESFKYKAKYIKQQQ
LGGVMFWHLGQDNRNGDLLAALDRYFNAADYDDSQLDMGTGLRYTGVGPGNLPIMTAPAYVPGTTYAQGALVSYQGYVWQ
TKWGYITSAPGSDSAWLKVGRLA
;
_entity_poly.pdbx_strand_id   A
#
loop_
_chem_comp.id
_chem_comp.type
_chem_comp.name
_chem_comp.formula
M6V non-polymer '(1R,2R,3R,6R,7S,8S,9R,10R,12R,13S,17S)-3-ethyl-2,10-dihydroxy-2,6,8,10,12,15,15,17-octamethyl-5-oxo-9-(prop-2-yn-1-yloxy)-4,14,16-trioxabicyclo[11.3.1]heptadec-7-yl {4-[N'-(methylcarbamoyl)carbamimidamido]butyl}carbamate' 'C35 H61 N5 O10'
#
# COMPACT_ATOMS: atom_id res chain seq x y z
N SER A 6 -19.65 -5.47 11.96
CA SER A 6 -20.45 -4.23 12.24
C SER A 6 -19.82 -2.93 11.66
N THR A 7 -18.49 -2.74 11.83
CA THR A 7 -17.76 -1.55 11.26
C THR A 7 -17.36 -1.68 9.77
N ARG A 8 -17.41 -0.54 9.09
CA ARG A 8 -17.27 -0.50 7.65
C ARG A 8 -15.79 -0.55 7.22
N LYS A 9 -15.49 -1.35 6.20
CA LYS A 9 -14.14 -1.41 5.63
C LYS A 9 -13.87 -0.09 4.98
N ALA A 10 -12.66 0.40 5.13
CA ALA A 10 -12.32 1.69 4.56
C ALA A 10 -12.07 1.55 3.07
N VAL A 11 -12.16 2.69 2.38
CA VAL A 11 -11.99 2.71 0.96
C VAL A 11 -11.28 3.99 0.67
N ILE A 12 -9.96 3.90 0.57
CA ILE A 12 -9.14 5.11 0.55
C ILE A 12 -8.65 5.35 -0.85
N GLY A 13 -9.22 6.38 -1.48
CA GLY A 13 -8.95 6.68 -2.88
C GLY A 13 -8.06 7.86 -2.97
N TYR A 14 -6.91 7.69 -3.60
CA TYR A 14 -6.01 8.81 -3.79
C TYR A 14 -6.62 9.63 -4.92
N TYR A 15 -6.40 10.94 -4.90
CA TYR A 15 -6.79 11.84 -5.96
C TYR A 15 -5.65 12.79 -6.33
N PHE A 16 -5.21 12.70 -7.60
CA PHE A 16 -4.09 13.53 -8.02
C PHE A 16 -4.54 14.60 -9.00
N ILE A 17 -3.96 15.79 -8.86
CA ILE A 17 -4.07 16.87 -9.82
C ILE A 17 -2.76 17.70 -9.77
N PRO A 18 -2.19 18.04 -10.94
CA PRO A 18 -0.92 18.77 -10.98
C PRO A 18 -1.09 20.25 -10.71
N THR A 19 0.02 20.90 -10.35
CA THR A 19 0.06 22.33 -10.03
C THR A 19 -0.49 23.15 -11.21
N ASN A 20 0.00 22.86 -12.43
CA ASN A 20 -0.44 23.56 -13.66
C ASN A 20 -1.93 23.37 -13.99
N GLN A 21 -2.53 22.21 -13.68
CA GLN A 21 -3.98 22.03 -13.84
C GLN A 21 -4.78 22.71 -12.73
N ILE A 22 -4.12 23.01 -11.62
CA ILE A 22 -4.74 23.84 -10.57
C ILE A 22 -4.80 25.32 -11.04
N ASN A 23 -3.65 25.81 -11.48
CA ASN A 23 -3.52 27.20 -11.87
C ASN A 23 -4.30 27.55 -13.17
N ASN A 24 -4.61 26.54 -13.99
CA ASN A 24 -5.47 26.69 -15.18
C ASN A 24 -6.70 25.80 -15.05
N TYR A 25 -7.26 25.76 -13.84
CA TYR A 25 -8.26 24.74 -13.50
C TYR A 25 -9.54 25.04 -14.23
N THR A 26 -10.29 23.99 -14.57
CA THR A 26 -11.58 24.15 -15.23
C THR A 26 -12.33 22.85 -15.07
N GLU A 27 -13.65 22.91 -15.14
CA GLU A 27 -14.49 21.71 -14.96
C GLU A 27 -15.02 21.13 -16.25
N THR A 28 -14.82 21.83 -17.37
CA THR A 28 -15.47 21.50 -18.66
C THR A 28 -14.48 21.18 -19.82
N ASP A 29 -13.18 21.37 -19.59
CA ASP A 29 -12.15 21.11 -20.63
C ASP A 29 -11.21 19.92 -20.25
N THR A 30 -11.66 18.71 -20.65
CA THR A 30 -10.92 17.47 -20.48
C THR A 30 -9.53 17.53 -21.15
N SER A 31 -9.23 18.58 -21.90
CA SER A 31 -7.86 18.87 -22.45
C SER A 31 -6.93 19.53 -21.41
N VAL A 32 -7.49 20.44 -20.62
CA VAL A 32 -6.73 21.13 -19.58
C VAL A 32 -6.83 20.37 -18.23
N VAL A 33 -7.98 19.73 -17.97
CA VAL A 33 -8.19 18.88 -16.79
C VAL A 33 -9.02 17.63 -17.17
N PRO A 34 -8.35 16.47 -17.42
CA PRO A 34 -9.11 15.26 -17.82
C PRO A 34 -10.13 14.86 -16.78
N PHE A 35 -9.68 14.66 -15.55
CA PHE A 35 -10.56 14.22 -14.45
C PHE A 35 -10.72 15.34 -13.43
N PRO A 36 -11.69 16.26 -13.67
CA PRO A 36 -11.97 17.33 -12.71
C PRO A 36 -12.89 16.86 -11.59
N VAL A 37 -13.02 17.70 -10.56
CA VAL A 37 -13.66 17.28 -9.31
C VAL A 37 -15.08 16.78 -9.58
N SER A 38 -15.81 17.49 -10.45
CA SER A 38 -17.23 17.17 -10.72
C SER A 38 -17.36 15.75 -11.28
N ASN A 39 -16.23 15.22 -11.80
CA ASN A 39 -16.17 13.83 -12.25
C ASN A 39 -16.61 12.88 -11.19
N ILE A 40 -16.35 13.26 -9.93
CA ILE A 40 -16.71 12.42 -8.78
C ILE A 40 -18.17 12.62 -8.48
N THR A 41 -19.00 11.63 -8.81
CA THR A 41 -20.44 11.81 -8.68
C THR A 41 -20.72 11.86 -7.22
N PRO A 42 -21.93 12.33 -6.85
CA PRO A 42 -22.51 12.04 -5.54
C PRO A 42 -22.53 10.53 -5.17
N ALA A 43 -23.06 9.67 -6.02
CA ALA A 43 -23.06 8.23 -5.74
C ALA A 43 -21.64 7.65 -5.54
N LYS A 44 -20.66 8.22 -6.23
CA LYS A 44 -19.25 7.85 -6.03
C LYS A 44 -18.71 8.30 -4.67
N ALA A 45 -19.01 9.54 -4.31
CA ALA A 45 -18.62 10.12 -3.03
C ALA A 45 -19.15 9.35 -1.82
N LYS A 46 -20.19 8.51 -2.00
CA LYS A 46 -20.60 7.59 -0.93
C LYS A 46 -19.63 6.47 -0.85
N GLN A 47 -19.14 6.04 -2.01
CA GLN A 47 -18.37 4.79 -2.15
C GLN A 47 -16.95 4.81 -1.47
N LEU A 48 -16.41 6.00 -1.34
CA LEU A 48 -15.16 6.28 -0.65
C LEU A 48 -15.35 6.69 0.82
N THR A 49 -14.48 6.19 1.70
CA THR A 49 -14.38 6.67 3.07
C THR A 49 -13.44 7.87 3.13
N HIS A 50 -12.41 7.83 2.28
CA HIS A 50 -11.42 8.92 2.27
C HIS A 50 -11.00 9.20 0.85
N ILE A 51 -10.45 10.39 0.66
CA ILE A 51 -9.89 10.83 -0.56
C ILE A 51 -8.59 11.61 -0.30
N ASN A 52 -7.48 11.06 -0.78
CA ASN A 52 -6.23 11.67 -0.45
C ASN A 52 -5.85 12.60 -1.56
N PHE A 53 -5.89 13.89 -1.28
CA PHE A 53 -5.64 14.86 -2.31
C PHE A 53 -4.15 14.93 -2.38
N SER A 54 -3.61 14.61 -3.55
CA SER A 54 -2.16 14.50 -3.73
C SER A 54 -1.76 15.57 -4.70
N PHE A 55 -0.64 16.28 -4.50
CA PHE A 55 0.34 16.08 -3.45
C PHE A 55 0.80 17.42 -2.93
N LEU A 56 1.09 17.56 -1.64
CA LEU A 56 1.87 18.71 -1.18
C LEU A 56 3.30 18.28 -0.88
N ASP A 57 4.13 19.14 -0.28
CA ASP A 57 5.55 18.89 -0.20
C ASP A 57 6.12 19.58 1.05
N ILE A 58 7.42 19.73 1.14
CA ILE A 58 8.07 20.36 2.28
C ILE A 58 9.26 21.23 1.80
N ASN A 59 9.07 22.56 1.91
CA ASN A 59 9.98 23.56 1.36
C ASN A 59 11.24 23.70 2.17
N SER A 60 12.12 24.60 1.77
CA SER A 60 13.45 24.72 2.41
C SER A 60 13.40 25.04 3.92
N ASN A 61 12.28 25.62 4.37
CA ASN A 61 12.13 26.03 5.77
C ASN A 61 11.63 24.91 6.69
N LEU A 62 11.54 23.69 6.15
CA LEU A 62 11.11 22.50 6.84
C LEU A 62 9.65 22.65 7.26
N GLU A 63 8.85 23.23 6.38
CA GLU A 63 7.42 23.38 6.64
C GLU A 63 6.67 22.67 5.54
N CYS A 64 5.42 22.32 5.78
CA CYS A 64 4.55 21.70 4.78
C CYS A 64 4.11 22.83 3.93
N ALA A 65 4.14 22.67 2.61
CA ALA A 65 3.70 23.75 1.71
C ALA A 65 3.15 23.28 0.38
N TRP A 66 2.58 24.19 -0.42
CA TRP A 66 2.23 23.87 -1.84
C TRP A 66 3.44 24.10 -2.77
N ASP A 67 3.33 23.69 -4.03
CA ASP A 67 4.36 23.97 -5.05
C ASP A 67 4.47 25.48 -5.13
N PRO A 68 5.69 26.03 -4.91
CA PRO A 68 5.91 27.49 -4.93
C PRO A 68 5.13 28.28 -6.03
N ALA A 69 4.98 27.68 -7.21
CA ALA A 69 4.18 28.29 -8.26
C ALA A 69 2.77 27.67 -8.30
N THR A 70 2.10 27.57 -7.15
CA THR A 70 0.70 27.19 -7.13
C THR A 70 0.01 28.50 -6.83
N ASN A 71 -1.14 28.77 -7.45
CA ASN A 71 -1.90 29.97 -7.10
C ASN A 71 -2.91 29.64 -6.00
N ASP A 72 -2.86 30.42 -4.91
CA ASP A 72 -3.62 30.11 -3.68
C ASP A 72 -5.15 30.05 -3.92
N ALA A 73 -5.72 31.14 -4.42
CA ALA A 73 -7.16 31.19 -4.70
C ALA A 73 -7.62 30.00 -5.54
N LYS A 74 -6.84 29.70 -6.57
CA LYS A 74 -7.17 28.63 -7.49
C LYS A 74 -7.00 27.32 -6.76
N ALA A 75 -5.91 27.19 -6.01
CA ALA A 75 -5.72 26.03 -5.10
C ALA A 75 -6.90 25.88 -4.12
N ARG A 76 -7.30 27.00 -3.48
CA ARG A 76 -8.40 27.04 -2.50
C ARG A 76 -9.72 26.58 -3.08
N ASP A 77 -10.02 27.06 -4.29
CA ASP A 77 -11.32 26.79 -4.87
C ASP A 77 -11.44 25.25 -5.08
N VAL A 78 -10.34 24.62 -5.51
CA VAL A 78 -10.31 23.19 -5.83
C VAL A 78 -10.58 22.32 -4.61
N VAL A 79 -10.04 22.72 -3.48
CA VAL A 79 -10.29 21.94 -2.24
C VAL A 79 -11.76 22.01 -1.78
N ASN A 80 -12.38 23.21 -1.73
CA ASN A 80 -13.81 23.35 -1.27
C ASN A 80 -14.75 22.50 -2.10
N ARG A 81 -14.39 22.33 -3.36
CA ARG A 81 -15.13 21.50 -4.27
C ARG A 81 -15.06 20.07 -3.80
N LEU A 82 -13.89 19.69 -3.29
CA LEU A 82 -13.73 18.37 -2.67
C LEU A 82 -14.45 18.28 -1.35
N THR A 83 -14.21 19.25 -0.51
CA THR A 83 -14.78 19.20 0.86
C THR A 83 -16.29 19.26 0.79
N ALA A 84 -16.79 19.95 -0.25
CA ALA A 84 -18.19 19.92 -0.62
C ALA A 84 -18.76 18.51 -0.74
N LEU A 85 -17.96 17.59 -1.20
CA LEU A 85 -18.50 16.27 -1.42
C LEU A 85 -19.08 15.72 -0.15
N LYS A 86 -18.64 16.23 1.01
CA LYS A 86 -19.02 15.66 2.32
C LYS A 86 -20.52 15.77 2.56
N ALA A 87 -21.13 16.81 2.00
CA ALA A 87 -22.58 16.93 1.97
C ALA A 87 -23.25 15.61 1.52
N HIS A 88 -22.66 14.88 0.60
CA HIS A 88 -23.32 13.70 0.06
C HIS A 88 -23.10 12.47 0.91
N ASN A 89 -22.04 12.50 1.70
CA ASN A 89 -21.63 11.30 2.47
C ASN A 89 -21.52 11.50 3.96
N PRO A 90 -22.10 10.57 4.76
CA PRO A 90 -21.87 10.68 6.21
C PRO A 90 -20.37 10.64 6.64
N SER A 91 -19.56 9.78 6.03
CA SER A 91 -18.23 9.45 6.58
C SER A 91 -16.97 9.96 5.84
N LEU A 92 -17.13 10.86 4.87
CA LEU A 92 -16.05 11.13 3.95
C LEU A 92 -15.02 12.03 4.54
N ARG A 93 -13.75 11.70 4.27
CA ARG A 93 -12.68 12.57 4.69
C ARG A 93 -11.86 13.03 3.49
N ILE A 94 -11.56 14.31 3.44
CA ILE A 94 -10.71 14.81 2.44
C ILE A 94 -9.37 14.99 3.12
N MET A 95 -8.58 13.91 3.01
CA MET A 95 -7.21 13.92 3.49
C MET A 95 -6.39 14.72 2.50
N PHE A 96 -5.30 15.31 2.97
CA PHE A 96 -4.26 15.72 2.07
C PHE A 96 -2.94 14.95 2.30
N SER A 97 -2.30 14.58 1.18
CA SER A 97 -1.13 13.74 1.19
C SER A 97 0.16 14.54 0.91
N ILE A 98 1.13 14.47 1.82
CA ILE A 98 2.43 15.12 1.65
C ILE A 98 3.46 14.06 1.20
N GLY A 99 4.29 14.40 0.20
CA GLY A 99 5.25 13.46 -0.37
C GLY A 99 4.98 13.02 -1.80
N GLY A 100 4.70 11.73 -2.00
CA GLY A 100 4.83 11.12 -3.31
C GLY A 100 6.30 10.75 -3.67
N TRP A 101 6.41 9.88 -4.68
CA TRP A 101 7.70 9.39 -5.13
C TRP A 101 8.56 10.55 -5.60
N TYR A 102 8.05 11.39 -6.52
CA TYR A 102 8.87 12.48 -7.10
C TYR A 102 9.60 13.36 -6.03
N TYR A 103 8.82 13.84 -5.06
CA TYR A 103 9.31 14.76 -4.06
C TYR A 103 10.24 14.09 -3.05
N SER A 104 9.89 12.84 -2.68
CA SER A 104 10.48 12.20 -1.45
C SER A 104 11.44 11.03 -1.64
N ASN A 105 11.61 10.55 -2.87
CA ASN A 105 12.55 9.42 -3.07
C ASN A 105 13.97 9.85 -2.78
N ASP A 106 14.90 8.90 -2.66
CA ASP A 106 16.22 9.23 -2.07
C ASP A 106 16.94 10.31 -2.85
N LEU A 107 16.60 10.39 -4.13
CA LEU A 107 17.11 11.40 -5.08
C LEU A 107 15.96 12.17 -5.70
N GLY A 108 14.97 12.50 -4.88
CA GLY A 108 13.85 13.38 -5.31
C GLY A 108 14.26 14.82 -5.08
N VAL A 109 13.50 15.73 -5.66
CA VAL A 109 13.82 17.16 -5.54
C VAL A 109 13.91 17.64 -4.06
N SER A 110 12.92 17.23 -3.26
CA SER A 110 12.74 17.79 -1.92
C SER A 110 13.32 16.89 -0.83
N HIS A 111 13.86 15.75 -1.21
CA HIS A 111 14.34 14.78 -0.24
C HIS A 111 14.97 15.34 1.03
N ALA A 112 15.93 16.26 0.90
CA ALA A 112 16.67 16.70 2.11
C ALA A 112 15.70 17.37 3.12
N ASN A 113 14.63 17.94 2.59
CA ASN A 113 13.72 18.64 3.45
C ASN A 113 13.03 17.65 4.39
N TYR A 114 12.76 16.44 3.88
CA TYR A 114 12.06 15.41 4.66
C TYR A 114 13.04 14.95 5.72
N VAL A 115 14.28 14.76 5.33
CA VAL A 115 15.30 14.38 6.31
C VAL A 115 15.47 15.42 7.40
N ASN A 116 15.52 16.68 7.04
CA ASN A 116 15.82 17.72 8.03
C ASN A 116 14.54 18.05 8.85
N ALA A 117 13.36 17.97 8.22
CA ALA A 117 12.13 18.27 8.95
C ALA A 117 11.86 17.32 10.12
N VAL A 118 12.36 16.08 10.05
CA VAL A 118 12.17 15.17 11.14
C VAL A 118 13.43 15.02 12.02
N LYS A 119 14.50 15.73 11.67
CA LYS A 119 15.80 15.48 12.31
C LYS A 119 15.87 15.95 13.73
N THR A 120 15.16 17.04 14.05
CA THR A 120 15.25 17.66 15.42
C THR A 120 13.92 17.97 16.01
N PRO A 121 13.88 18.07 17.34
CA PRO A 121 12.60 18.43 18.00
C PRO A 121 12.09 19.75 17.47
N ALA A 122 12.95 20.75 17.43
CA ALA A 122 12.58 22.07 16.90
C ALA A 122 11.95 21.95 15.53
N ALA A 123 12.55 21.13 14.67
CA ALA A 123 12.05 21.04 13.32
C ALA A 123 10.77 20.26 13.29
N ARG A 124 10.67 19.19 14.11
CA ARG A 124 9.45 18.39 14.12
C ARG A 124 8.26 19.18 14.63
N THR A 125 8.53 19.98 15.67
CA THR A 125 7.56 20.95 16.17
C THR A 125 7.14 21.85 14.98
N LYS A 126 8.12 22.51 14.37
CA LYS A 126 7.79 23.44 13.28
C LYS A 126 6.97 22.78 12.18
N PHE A 127 7.46 21.65 11.70
CA PHE A 127 6.79 20.85 10.65
C PHE A 127 5.40 20.31 11.02
N ALA A 128 5.29 19.71 12.21
CA ALA A 128 3.98 19.17 12.64
C ALA A 128 2.91 20.29 12.75
N GLN A 129 3.30 21.42 13.35
CA GLN A 129 2.38 22.55 13.45
C GLN A 129 1.96 22.98 12.06
N SER A 130 2.96 23.05 11.16
CA SER A 130 2.70 23.45 9.78
C SER A 130 1.76 22.50 9.08
N CYS A 131 1.74 21.22 9.44
CA CYS A 131 0.79 20.28 8.82
C CYS A 131 -0.64 20.55 9.21
N VAL A 132 -0.85 20.78 10.49
CA VAL A 132 -2.21 20.99 10.99
C VAL A 132 -2.71 22.36 10.55
N ARG A 133 -1.83 23.35 10.69
CA ARG A 133 -2.10 24.72 10.26
C ARG A 133 -2.68 24.65 8.88
N ILE A 134 -1.95 23.97 7.99
CA ILE A 134 -2.44 23.68 6.62
C ILE A 134 -3.77 22.94 6.62
N MET A 135 -3.88 21.85 7.35
CA MET A 135 -5.12 21.05 7.34
C MET A 135 -6.40 21.86 7.64
N LYS A 136 -6.33 22.72 8.65
CA LYS A 136 -7.50 23.50 9.03
C LYS A 136 -7.68 24.64 8.04
N ASP A 137 -6.59 25.35 7.79
CA ASP A 137 -6.60 26.51 6.92
C ASP A 137 -7.16 26.27 5.51
N TYR A 138 -7.39 25.01 5.13
CA TYR A 138 -8.05 24.65 3.84
C TYR A 138 -9.25 23.75 3.97
N GLY A 139 -9.53 23.22 5.15
CA GLY A 139 -10.74 22.36 5.34
C GLY A 139 -10.56 20.86 5.19
N PHE A 140 -9.31 20.42 5.41
CA PHE A 140 -9.00 19.02 5.20
C PHE A 140 -9.38 18.26 6.46
N ASP A 141 -9.82 17.03 6.28
CA ASP A 141 -10.17 16.12 7.37
C ASP A 141 -9.03 15.23 7.92
N GLY A 142 -7.76 15.57 7.67
CA GLY A 142 -6.64 14.74 8.09
C GLY A 142 -5.35 14.87 7.27
N VAL A 143 -4.33 14.11 7.69
CA VAL A 143 -3.02 14.15 7.06
C VAL A 143 -2.53 12.77 6.61
N ASP A 144 -2.03 12.66 5.38
CA ASP A 144 -1.36 11.45 4.90
C ASP A 144 0.10 11.81 4.60
N ILE A 145 1.04 10.95 5.00
CA ILE A 145 2.43 11.23 4.79
C ILE A 145 2.88 10.08 3.93
N ASP A 146 3.33 10.40 2.71
CA ASP A 146 3.74 9.44 1.70
C ASP A 146 5.19 9.71 1.30
N TRP A 147 6.07 9.62 2.31
CA TRP A 147 7.53 9.66 2.19
C TRP A 147 8.12 8.27 1.87
N GLU A 148 8.62 8.14 0.64
CA GLU A 148 9.07 6.85 0.12
C GLU A 148 10.57 6.84 -0.05
N TYR A 149 11.39 6.51 0.97
CA TYR A 149 11.01 6.10 2.33
C TYR A 149 12.07 6.57 3.28
N PRO A 150 11.74 6.81 4.54
CA PRO A 150 12.77 7.12 5.49
C PRO A 150 13.71 5.92 5.67
N GLN A 151 14.99 6.17 5.89
CA GLN A 151 15.99 5.14 6.18
C GLN A 151 16.36 5.06 7.63
N ALA A 152 17.11 4.03 8.03
CA ALA A 152 17.16 3.68 9.44
C ALA A 152 17.41 4.88 10.40
N ALA A 153 18.41 5.69 10.11
CA ALA A 153 18.81 6.76 11.02
C ALA A 153 17.74 7.78 11.20
N GLU A 154 16.92 7.93 10.18
CA GLU A 154 15.89 8.96 10.12
C GLU A 154 14.47 8.40 10.39
N VAL A 155 14.35 7.10 10.67
CA VAL A 155 13.11 6.48 11.16
C VAL A 155 12.65 6.95 12.56
N ASP A 156 13.56 7.02 13.53
CA ASP A 156 13.23 7.52 14.87
C ASP A 156 12.63 8.91 14.81
N GLY A 157 13.23 9.77 14.02
CA GLY A 157 12.68 11.12 13.91
C GLY A 157 11.32 11.09 13.22
N PHE A 158 11.17 10.22 12.26
CA PHE A 158 9.93 10.11 11.50
C PHE A 158 8.85 9.69 12.47
N ILE A 159 9.22 8.80 13.38
CA ILE A 159 8.26 8.28 14.35
C ILE A 159 7.76 9.45 15.21
N ALA A 160 8.73 10.16 15.74
CA ALA A 160 8.48 11.27 16.63
C ALA A 160 7.58 12.27 15.94
N ALA A 161 7.83 12.47 14.65
CA ALA A 161 7.04 13.40 13.88
C ALA A 161 5.62 12.99 13.85
N LEU A 162 5.39 11.71 13.59
CA LEU A 162 4.04 11.18 13.57
C LEU A 162 3.31 11.35 14.90
N GLN A 163 4.03 11.11 15.98
CA GLN A 163 3.49 11.25 17.31
C GLN A 163 3.07 12.69 17.51
N GLU A 164 3.95 13.64 17.18
CA GLU A 164 3.67 15.08 17.33
C GLU A 164 2.39 15.44 16.59
N ILE A 165 2.31 15.06 15.32
CA ILE A 165 1.18 15.41 14.50
C ILE A 165 -0.07 14.85 15.12
N ARG A 166 0.01 13.62 15.59
CA ARG A 166 -1.13 12.94 16.24
C ARG A 166 -1.63 13.77 17.39
N THR A 167 -0.74 14.18 18.26
CA THR A 167 -1.19 14.93 19.38
C THR A 167 -1.94 16.19 18.87
N LEU A 168 -1.37 16.87 17.89
CA LEU A 168 -1.98 18.11 17.35
C LEU A 168 -3.31 17.85 16.64
N LEU A 169 -3.46 16.70 16.03
CA LEU A 169 -4.73 16.31 15.46
C LEU A 169 -5.80 16.06 16.53
N ASN A 170 -5.37 15.48 17.65
CA ASN A 170 -6.24 15.22 18.76
C ASN A 170 -6.69 16.52 19.40
N GLN A 171 -5.78 17.47 19.56
CA GLN A 171 -6.11 18.81 20.04
C GLN A 171 -7.13 19.50 19.15
N GLN A 172 -6.98 19.33 17.85
CA GLN A 172 -7.89 19.94 16.89
C GLN A 172 -9.24 19.19 16.84
N THR A 173 -9.22 17.88 16.99
CA THR A 173 -10.45 17.11 17.01
C THR A 173 -11.31 17.60 18.18
N ILE A 174 -10.66 17.81 19.32
CA ILE A 174 -11.30 18.29 20.49
C ILE A 174 -11.84 19.68 20.20
N ALA A 175 -10.95 20.58 19.77
CA ALA A 175 -11.33 21.97 19.57
C ALA A 175 -12.59 22.14 18.72
N ASP A 176 -12.64 21.45 17.58
CA ASP A 176 -13.78 21.51 16.64
C ASP A 176 -14.86 20.47 16.99
N GLY A 177 -14.84 19.94 18.19
CA GLY A 177 -15.88 19.01 18.54
C GLY A 177 -16.11 17.95 17.51
N ARG A 178 -15.03 17.33 17.03
CA ARG A 178 -15.16 16.35 15.92
C ARG A 178 -15.19 14.87 16.29
N GLN A 179 -15.70 14.55 17.47
CA GLN A 179 -15.62 13.17 17.95
C GLN A 179 -16.41 12.27 17.03
N ALA A 180 -17.43 12.82 16.40
CA ALA A 180 -18.19 12.09 15.40
C ALA A 180 -17.31 11.64 14.21
N LEU A 181 -16.33 12.47 13.86
CA LEU A 181 -15.47 12.24 12.69
C LEU A 181 -14.05 12.80 12.93
N PRO A 182 -13.26 12.08 13.74
CA PRO A 182 -11.99 12.62 14.21
C PRO A 182 -10.97 12.82 13.08
N TYR A 183 -10.28 13.95 13.10
CA TYR A 183 -9.19 14.20 12.21
C TYR A 183 -8.19 13.00 12.20
N GLN A 184 -7.93 12.42 11.03
CA GLN A 184 -7.16 11.19 10.99
C GLN A 184 -5.69 11.37 10.55
N LEU A 185 -4.86 10.36 10.84
CA LEU A 185 -3.42 10.34 10.40
C LEU A 185 -3.09 8.97 9.80
N THR A 186 -2.59 9.00 8.56
CA THR A 186 -2.18 7.78 7.82
C THR A 186 -0.79 7.94 7.17
N ILE A 187 -0.20 6.81 6.81
CA ILE A 187 0.92 6.88 5.90
C ILE A 187 0.71 5.92 4.77
N ALA A 188 1.45 6.14 3.69
CA ALA A 188 1.56 5.16 2.60
C ALA A 188 2.80 4.39 2.95
N GLY A 189 2.65 3.10 3.21
CA GLY A 189 3.78 2.25 3.57
C GLY A 189 4.26 1.38 2.44
N ALA A 190 5.50 0.97 2.55
CA ALA A 190 6.07 0.07 1.60
C ALA A 190 5.28 -1.19 1.62
N GLY A 191 5.07 -1.73 0.42
CA GLY A 191 4.49 -3.06 0.17
C GLY A 191 5.43 -4.18 -0.20
N GLY A 192 6.73 -3.97 -0.03
CA GLY A 192 7.69 -4.99 -0.37
C GLY A 192 8.88 -5.00 0.55
N ALA A 193 9.44 -6.18 0.76
CA ALA A 193 10.46 -6.37 1.78
C ALA A 193 11.65 -5.46 1.66
N PHE A 194 12.11 -5.19 0.45
CA PHE A 194 13.35 -4.40 0.31
C PHE A 194 13.18 -2.99 0.86
N PHE A 195 12.12 -2.31 0.48
CA PHE A 195 11.86 -1.05 1.07
C PHE A 195 11.34 -1.08 2.53
N LEU A 196 10.53 -2.10 2.86
CA LEU A 196 9.93 -2.22 4.20
C LEU A 196 11.03 -2.45 5.24
N SER A 197 12.15 -3.02 4.81
CA SER A 197 13.22 -3.36 5.76
C SER A 197 13.89 -2.13 6.32
N ARG A 198 13.63 -0.95 5.73
CA ARG A 198 14.22 0.28 6.24
C ARG A 198 13.62 0.65 7.57
N TYR A 199 12.35 0.30 7.80
CA TYR A 199 11.73 0.64 9.09
C TYR A 199 11.03 -0.55 9.77
N TYR A 200 11.25 -1.76 9.28
CA TYR A 200 10.47 -2.91 9.75
C TYR A 200 10.58 -3.12 11.27
N SER A 201 11.78 -3.02 11.81
CA SER A 201 11.99 -3.31 13.20
C SER A 201 11.21 -2.37 14.09
N LYS A 202 10.83 -1.20 13.59
CA LYS A 202 10.14 -0.23 14.42
C LYS A 202 8.71 -0.03 13.98
N LEU A 203 8.17 -1.05 13.31
CA LEU A 203 6.82 -0.99 12.74
C LEU A 203 5.69 -0.71 13.71
N ALA A 204 5.73 -1.30 14.89
CA ALA A 204 4.67 -1.06 15.88
C ALA A 204 4.64 0.39 16.35
N GLN A 205 5.80 0.98 16.54
CA GLN A 205 5.86 2.42 16.84
C GLN A 205 5.40 3.30 15.70
N ILE A 206 5.66 2.89 14.48
CA ILE A 206 5.20 3.66 13.32
C ILE A 206 3.70 3.61 13.15
N VAL A 207 3.11 2.48 13.48
CA VAL A 207 1.69 2.29 13.32
C VAL A 207 0.87 2.89 14.45
N ALA A 208 1.44 2.96 15.64
CA ALA A 208 0.68 3.33 16.87
C ALA A 208 -0.08 4.64 16.72
N PRO A 209 0.55 5.68 16.22
CA PRO A 209 -0.17 6.96 16.06
C PRO A 209 -1.06 7.07 14.78
N LEU A 210 -1.30 5.97 14.08
CA LEU A 210 -1.98 6.03 12.81
C LEU A 210 -3.34 5.44 12.97
N ASP A 211 -4.30 5.92 12.17
CA ASP A 211 -5.58 5.29 12.05
C ASP A 211 -5.47 4.15 11.08
N TYR A 212 -4.60 4.35 10.08
CA TYR A 212 -4.29 3.25 9.15
C TYR A 212 -2.90 3.36 8.55
N ILE A 213 -2.35 2.22 8.20
CA ILE A 213 -1.12 2.24 7.38
C ILE A 213 -1.52 1.76 5.98
N ASN A 214 -1.31 2.61 5.00
CA ASN A 214 -1.72 2.28 3.62
C ASN A 214 -0.68 1.47 2.83
N LEU A 215 -0.86 0.18 2.76
CA LEU A 215 0.21 -0.64 2.17
C LEU A 215 0.28 -0.50 0.66
N MET A 216 1.37 0.07 0.18
CA MET A 216 1.53 0.18 -1.29
C MET A 216 1.84 -1.17 -1.92
N THR A 217 0.86 -2.09 -1.83
CA THR A 217 1.02 -3.45 -2.34
C THR A 217 0.81 -3.54 -3.84
N TYR A 218 1.58 -2.76 -4.56
CA TYR A 218 1.54 -2.74 -6.00
C TYR A 218 2.85 -2.12 -6.43
N ASP A 219 3.11 -2.11 -7.72
CA ASP A 219 4.39 -1.64 -8.27
C ASP A 219 5.46 -2.59 -7.75
N LEU A 220 5.10 -3.84 -7.55
CA LEU A 220 6.07 -4.81 -7.10
C LEU A 220 6.87 -5.44 -8.24
N ALA A 221 6.52 -5.11 -9.48
CA ALA A 221 7.34 -5.40 -10.66
C ALA A 221 7.43 -4.12 -11.45
N GLY A 222 8.50 -4.00 -12.22
CA GLY A 222 8.76 -2.81 -13.03
C GLY A 222 9.93 -3.02 -13.94
N PRO A 223 10.29 -2.01 -14.72
CA PRO A 223 11.44 -2.03 -15.63
C PRO A 223 12.76 -2.30 -14.92
N TRP A 224 12.86 -1.96 -13.64
CA TRP A 224 14.06 -2.17 -12.85
C TRP A 224 14.33 -3.68 -12.66
N GLU A 225 13.30 -4.49 -12.72
CA GLU A 225 13.52 -5.92 -12.62
C GLU A 225 14.21 -6.55 -13.83
N LYS A 226 14.88 -7.66 -13.57
CA LYS A 226 15.49 -8.49 -14.62
C LYS A 226 14.39 -9.08 -15.53
N ILE A 227 13.26 -9.37 -14.91
CA ILE A 227 12.27 -10.19 -15.54
C ILE A 227 10.87 -9.59 -15.39
N THR A 228 10.01 -9.70 -16.40
CA THR A 228 8.62 -9.27 -16.27
C THR A 228 8.02 -10.11 -15.16
N ASN A 229 7.09 -9.48 -14.42
CA ASN A 229 6.37 -10.09 -13.31
C ASN A 229 5.09 -9.32 -13.05
N HIS A 230 4.14 -9.96 -12.41
CA HIS A 230 2.91 -9.27 -12.00
C HIS A 230 3.25 -8.29 -10.88
N GLN A 231 2.71 -7.07 -10.95
CA GLN A 231 3.06 -5.99 -10.05
C GLN A 231 2.27 -6.03 -8.70
N ALA A 232 1.29 -6.91 -8.62
CA ALA A 232 0.40 -6.91 -7.50
C ALA A 232 -0.29 -8.27 -7.37
N ALA A 233 0.48 -9.32 -7.58
CA ALA A 233 0.07 -10.65 -7.41
C ALA A 233 -0.43 -10.85 -6.00
N LEU A 234 -1.59 -11.49 -5.84
CA LEU A 234 -2.10 -11.77 -4.48
C LEU A 234 -1.32 -12.89 -3.80
N PHE A 235 -1.16 -13.99 -4.50
CA PHE A 235 -0.39 -15.15 -4.06
C PHE A 235 0.69 -15.54 -5.08
N GLY A 236 1.58 -16.42 -4.68
CA GLY A 236 2.78 -16.67 -5.43
C GLY A 236 2.59 -17.75 -6.48
N ASP A 237 3.27 -17.61 -7.60
CA ASP A 237 3.27 -18.64 -8.64
C ASP A 237 4.64 -19.22 -8.61
N ALA A 238 4.72 -20.55 -8.49
CA ALA A 238 6.03 -21.25 -8.50
C ALA A 238 6.84 -21.09 -9.81
N ALA A 239 6.20 -20.77 -10.92
CA ALA A 239 6.91 -20.53 -12.18
C ALA A 239 7.61 -19.18 -12.20
N GLY A 240 7.21 -18.31 -11.27
CA GLY A 240 7.63 -16.88 -11.29
C GLY A 240 8.93 -16.73 -10.55
N PRO A 241 9.54 -15.54 -10.61
CA PRO A 241 10.76 -15.30 -9.88
C PRO A 241 10.52 -15.19 -8.35
N THR A 242 11.58 -15.52 -7.61
CA THR A 242 11.62 -15.39 -6.16
C THR A 242 12.69 -14.38 -5.78
N PHE A 243 12.65 -13.90 -4.55
CA PHE A 243 13.53 -12.84 -4.08
C PHE A 243 14.05 -13.12 -2.68
N TYR A 244 15.13 -12.41 -2.34
CA TYR A 244 15.79 -12.53 -1.04
C TYR A 244 14.93 -11.79 -0.05
N ASN A 245 14.60 -12.46 1.05
CA ASN A 245 13.80 -11.84 2.10
C ASN A 245 14.67 -10.94 2.97
N ALA A 246 14.70 -9.65 2.66
CA ALA A 246 15.64 -8.77 3.31
C ALA A 246 15.31 -8.58 4.79
N LEU A 247 14.09 -8.97 5.19
CA LEU A 247 13.64 -8.68 6.54
C LEU A 247 14.33 -9.60 7.50
N ARG A 248 14.97 -10.67 7.01
CA ARG A 248 15.72 -11.56 7.93
C ARG A 248 16.99 -10.94 8.42
N GLU A 249 17.36 -9.78 7.85
CA GLU A 249 18.53 -9.03 8.23
C GLU A 249 18.16 -7.74 8.90
N ALA A 250 16.91 -7.59 9.28
CA ALA A 250 16.55 -6.38 10.04
C ALA A 250 17.01 -6.48 11.48
N ASN A 251 17.19 -5.32 12.11
CA ASN A 251 17.65 -5.24 13.48
C ASN A 251 16.55 -5.59 14.51
N LEU A 252 16.22 -6.87 14.55
CA LEU A 252 15.14 -7.34 15.39
C LEU A 252 15.59 -7.97 16.68
N GLY A 253 16.79 -8.50 16.70
CA GLY A 253 17.38 -9.17 17.86
C GLY A 253 16.81 -10.54 18.12
N TRP A 254 16.31 -11.21 17.10
CA TRP A 254 15.69 -12.53 17.19
C TRP A 254 16.72 -13.64 16.87
N SER A 255 16.36 -14.88 17.23
CA SER A 255 17.29 -16.01 17.14
C SER A 255 17.21 -16.59 15.75
N TRP A 256 18.10 -17.51 15.45
CA TRP A 256 18.10 -18.13 14.14
C TRP A 256 16.76 -18.79 13.83
N GLU A 257 16.21 -19.52 14.78
CA GLU A 257 14.92 -20.19 14.57
C GLU A 257 13.82 -19.15 14.35
N GLU A 258 13.86 -18.09 15.14
CA GLU A 258 12.76 -17.14 15.08
C GLU A 258 12.79 -16.37 13.75
N LEU A 259 13.98 -16.06 13.29
CA LEU A 259 14.13 -15.47 12.01
C LEU A 259 13.68 -16.43 10.89
N THR A 260 14.14 -17.68 10.93
CA THR A 260 13.86 -18.61 9.85
C THR A 260 12.39 -18.87 9.67
N ARG A 261 11.71 -18.98 10.78
CA ARG A 261 10.28 -19.24 10.83
C ARG A 261 9.48 -18.02 10.33
N ALA A 262 9.97 -16.81 10.58
CA ALA A 262 9.27 -15.62 10.09
C ALA A 262 9.59 -15.25 8.61
N PHE A 263 10.81 -15.56 8.17
CA PHE A 263 11.29 -14.99 6.92
C PHE A 263 11.84 -16.04 5.95
N PRO A 264 10.97 -16.81 5.31
CA PRO A 264 11.44 -17.79 4.38
C PRO A 264 12.13 -17.11 3.23
N SER A 265 13.19 -17.72 2.70
CA SER A 265 13.98 -17.08 1.71
C SER A 265 14.63 -18.15 0.82
N PRO A 266 14.44 -18.08 -0.51
CA PRO A 266 13.77 -16.97 -1.22
C PRO A 266 12.30 -17.02 -1.04
N PHE A 267 11.57 -15.95 -1.39
CA PHE A 267 10.09 -15.97 -1.28
C PHE A 267 9.43 -15.21 -2.44
N SER A 268 8.11 -15.35 -2.57
CA SER A 268 7.39 -14.71 -3.67
C SER A 268 6.95 -13.32 -3.25
N LEU A 269 7.19 -12.33 -4.09
CA LEU A 269 6.91 -10.95 -3.72
C LEU A 269 5.47 -10.60 -4.04
N THR A 270 4.59 -10.85 -3.07
CA THR A 270 3.16 -10.76 -3.24
C THR A 270 2.52 -9.89 -2.18
N VAL A 271 1.22 -9.72 -2.35
CA VAL A 271 0.45 -8.83 -1.55
C VAL A 271 0.30 -9.51 -0.20
N ASP A 272 -0.02 -10.82 -0.26
CA ASP A 272 -0.13 -11.68 0.88
C ASP A 272 1.17 -11.57 1.67
N ALA A 273 2.28 -11.65 0.97
CA ALA A 273 3.56 -11.50 1.64
C ALA A 273 3.65 -10.21 2.46
N ALA A 274 3.34 -9.07 1.86
CA ALA A 274 3.48 -7.81 2.62
C ALA A 274 2.53 -7.69 3.84
N VAL A 275 1.32 -8.20 3.68
CA VAL A 275 0.36 -8.16 4.72
C VAL A 275 0.80 -9.06 5.90
N GLN A 276 1.18 -10.30 5.63
CA GLN A 276 1.59 -11.20 6.69
C GLN A 276 2.81 -10.66 7.40
N GLN A 277 3.68 -10.04 6.64
CA GLN A 277 4.84 -9.41 7.24
C GLN A 277 4.47 -8.35 8.29
N HIS A 278 3.42 -7.60 8.03
CA HIS A 278 2.93 -6.65 9.00
C HIS A 278 2.31 -7.37 10.17
N LEU A 279 1.55 -8.41 9.88
CA LEU A 279 0.80 -9.11 10.92
C LEU A 279 1.77 -9.83 11.89
N MET A 280 2.90 -10.26 11.38
CA MET A 280 3.89 -10.97 12.16
C MET A 280 4.42 -10.10 13.31
N MET A 281 4.36 -8.78 13.21
CA MET A 281 4.92 -7.99 14.28
C MET A 281 3.91 -7.79 15.37
N GLU A 282 4.39 -7.91 16.60
CA GLU A 282 3.60 -7.63 17.77
C GLU A 282 3.26 -6.15 17.83
N GLY A 283 2.01 -5.88 18.16
CA GLY A 283 1.50 -4.50 18.31
C GLY A 283 1.01 -3.86 17.01
N VAL A 284 0.91 -4.67 15.97
CA VAL A 284 0.41 -4.19 14.70
C VAL A 284 -0.94 -4.86 14.46
N PRO A 285 -2.06 -4.16 14.73
CA PRO A 285 -3.38 -4.78 14.57
C PRO A 285 -3.88 -4.81 13.12
N SER A 286 -4.46 -5.94 12.77
CA SER A 286 -4.92 -6.13 11.41
C SER A 286 -5.82 -4.96 10.96
N ALA A 287 -6.67 -4.53 11.86
CA ALA A 287 -7.62 -3.43 11.62
C ALA A 287 -7.03 -2.15 11.10
N LYS A 288 -5.79 -1.86 11.49
CA LYS A 288 -5.06 -0.67 10.97
C LYS A 288 -4.42 -0.91 9.55
N ILE A 289 -4.29 -2.17 9.14
CA ILE A 289 -3.60 -2.47 7.86
C ILE A 289 -4.56 -2.32 6.69
N VAL A 290 -4.17 -1.44 5.78
CA VAL A 290 -4.97 -1.25 4.54
C VAL A 290 -4.24 -1.75 3.24
N MET A 291 -4.94 -2.56 2.45
CA MET A 291 -4.34 -3.12 1.22
C MET A 291 -4.46 -2.13 0.08
N GLY A 292 -3.31 -1.68 -0.41
CA GLY A 292 -3.28 -0.92 -1.66
C GLY A 292 -3.54 -1.81 -2.87
N VAL A 293 -4.18 -1.23 -3.88
CA VAL A 293 -4.29 -1.87 -5.19
C VAL A 293 -4.12 -0.82 -6.23
N PRO A 294 -3.53 -1.20 -7.38
CA PRO A 294 -3.32 -0.24 -8.48
C PRO A 294 -4.60 -0.01 -9.32
N PHE A 295 -4.85 1.25 -9.67
CA PHE A 295 -5.82 1.61 -10.75
C PHE A 295 -5.09 1.91 -12.06
N TYR A 296 -3.82 1.52 -12.13
CA TYR A 296 -2.99 1.60 -13.32
C TYR A 296 -2.42 0.22 -13.70
N GLY A 297 -1.71 0.21 -14.83
CA GLY A 297 -1.06 -1.00 -15.35
C GLY A 297 0.39 -0.66 -15.59
N ARG A 298 1.24 -1.66 -15.43
CA ARG A 298 2.69 -1.47 -15.68
C ARG A 298 3.00 -2.24 -16.98
N ALA A 299 3.66 -1.58 -17.90
CA ALA A 299 3.81 -2.19 -19.25
C ALA A 299 5.24 -2.49 -19.58
N PHE A 300 5.46 -3.65 -20.17
CA PHE A 300 6.80 -4.04 -20.62
C PHE A 300 6.86 -4.30 -22.12
N LYS A 301 8.05 -4.12 -22.71
CA LYS A 301 8.28 -4.51 -24.10
C LYS A 301 9.52 -5.37 -24.26
N GLY A 302 9.61 -6.07 -25.38
CA GLY A 302 10.76 -6.92 -25.67
C GLY A 302 10.62 -8.31 -25.10
N VAL A 303 9.41 -8.77 -24.91
CA VAL A 303 9.20 -10.04 -24.24
C VAL A 303 9.21 -11.20 -25.24
N SER A 304 10.12 -12.13 -25.03
CA SER A 304 10.08 -13.40 -25.73
C SER A 304 8.79 -14.10 -25.34
N GLY A 305 8.12 -14.66 -26.33
CA GLY A 305 6.82 -15.32 -26.16
C GLY A 305 6.94 -16.66 -25.45
N GLY A 306 5.81 -17.37 -25.39
CA GLY A 306 5.81 -18.73 -24.86
C GLY A 306 4.91 -18.90 -23.65
N ASN A 307 4.82 -17.84 -22.85
CA ASN A 307 4.08 -17.92 -21.62
C ASN A 307 3.38 -16.61 -21.32
N GLY A 308 2.62 -16.11 -22.28
CA GLY A 308 1.86 -14.87 -22.10
C GLY A 308 2.69 -13.61 -21.88
N GLY A 309 3.98 -13.67 -22.15
CA GLY A 309 4.86 -12.53 -21.84
C GLY A 309 5.24 -12.48 -20.37
N GLN A 310 4.83 -13.49 -19.59
CA GLN A 310 5.17 -13.52 -18.17
C GLN A 310 6.56 -14.10 -17.94
N TYR A 311 7.34 -13.43 -17.10
CA TYR A 311 8.59 -13.98 -16.56
C TYR A 311 9.60 -14.08 -17.65
N SER A 312 9.67 -13.02 -18.45
CA SER A 312 10.50 -12.97 -19.61
C SER A 312 11.52 -11.85 -19.46
N SER A 313 12.61 -11.99 -20.20
CA SER A 313 13.57 -10.91 -20.29
C SER A 313 12.83 -9.82 -21.07
N HIS A 314 13.30 -8.57 -21.00
CA HIS A 314 12.54 -7.48 -21.59
C HIS A 314 13.44 -6.31 -21.86
N SER A 315 12.95 -5.37 -22.68
CA SER A 315 13.77 -4.25 -23.19
C SER A 315 13.14 -2.94 -22.78
N THR A 316 12.57 -2.91 -21.59
CA THR A 316 11.86 -1.73 -21.09
C THR A 316 12.86 -0.81 -20.38
N PRO A 317 13.10 0.40 -20.89
CA PRO A 317 14.02 1.30 -20.19
C PRO A 317 13.56 1.60 -18.78
N GLY A 318 14.50 1.70 -17.86
CA GLY A 318 14.21 2.06 -16.48
C GLY A 318 14.62 3.48 -16.06
N GLU A 319 15.05 4.29 -17.02
CA GLU A 319 15.52 5.64 -16.73
C GLU A 319 14.33 6.59 -16.36
N ASP A 320 14.65 7.66 -15.63
CA ASP A 320 13.67 8.72 -15.26
C ASP A 320 14.26 10.09 -15.60
N PRO A 321 13.60 10.84 -16.48
CA PRO A 321 12.36 10.48 -17.14
C PRO A 321 12.55 9.47 -18.27
N TYR A 322 11.46 9.05 -18.88
CA TYR A 322 11.56 8.20 -20.04
C TYR A 322 12.45 8.89 -21.07
N PRO A 323 13.52 8.23 -21.52
CA PRO A 323 14.63 8.89 -22.23
C PRO A 323 14.46 9.14 -23.75
N ASN A 324 13.32 8.82 -24.35
CA ASN A 324 13.13 9.13 -25.77
C ASN A 324 11.65 9.33 -26.16
N ALA A 325 11.40 9.49 -27.47
CA ALA A 325 10.08 9.84 -27.97
C ALA A 325 9.35 8.64 -28.54
N ASP A 326 9.89 7.44 -28.35
CA ASP A 326 9.27 6.19 -28.84
C ASP A 326 8.19 5.71 -27.89
N TYR A 327 6.93 5.97 -28.25
CA TYR A 327 5.80 5.48 -27.46
C TYR A 327 5.33 4.16 -28.07
N TRP A 328 5.94 3.10 -27.58
CA TRP A 328 5.70 1.75 -28.10
C TRP A 328 4.43 1.07 -27.59
N LEU A 329 3.77 1.65 -26.61
CA LEU A 329 2.62 0.97 -26.04
C LEU A 329 1.45 1.24 -26.96
N VAL A 330 1.15 0.22 -27.74
CA VAL A 330 0.33 0.37 -28.93
C VAL A 330 -1.01 0.94 -28.53
N GLY A 331 -1.31 2.17 -28.99
CA GLY A 331 -2.67 2.73 -28.93
C GLY A 331 -3.06 3.15 -27.53
N CYS A 332 -2.16 3.89 -26.92
CA CYS A 332 -2.39 4.53 -25.68
C CYS A 332 -2.05 6.01 -25.90
N ASP A 333 -3.09 6.83 -25.96
CA ASP A 333 -2.89 8.26 -26.26
C ASP A 333 -2.31 8.95 -25.06
N GLU A 334 -2.81 8.52 -23.89
CA GLU A 334 -2.41 9.06 -22.60
C GLU A 334 -0.91 8.98 -22.50
N CYS A 335 -0.36 7.83 -22.91
CA CYS A 335 1.10 7.63 -22.92
C CYS A 335 1.84 8.63 -23.79
N VAL A 336 1.20 9.08 -24.87
CA VAL A 336 1.80 10.09 -25.76
C VAL A 336 1.73 11.45 -25.08
N ARG A 337 0.53 11.78 -24.60
CA ARG A 337 0.32 13.09 -24.06
C ARG A 337 1.09 13.18 -22.77
N ASP A 338 0.98 12.18 -21.89
CA ASP A 338 1.77 12.17 -20.65
C ASP A 338 3.24 11.80 -20.87
N LYS A 339 3.61 11.32 -22.05
CA LYS A 339 5.02 11.12 -22.47
C LYS A 339 5.76 9.92 -21.80
N ASP A 340 5.04 8.84 -21.48
CA ASP A 340 5.64 7.69 -20.85
C ASP A 340 4.81 6.46 -21.14
N PRO A 341 5.38 5.51 -21.86
CA PRO A 341 4.61 4.33 -22.22
C PRO A 341 4.61 3.21 -21.17
N ARG A 342 5.36 3.38 -20.08
CA ARG A 342 5.49 2.32 -19.07
C ARG A 342 4.31 2.20 -18.12
N ILE A 343 3.56 3.29 -18.00
CA ILE A 343 2.39 3.39 -17.11
C ILE A 343 1.13 3.78 -17.87
N ALA A 344 0.08 3.03 -17.68
CA ALA A 344 -1.19 3.36 -18.21
C ALA A 344 -2.40 3.13 -17.25
N SER A 345 -3.29 4.13 -17.18
CA SER A 345 -4.51 4.05 -16.38
C SER A 345 -5.32 2.86 -16.79
N TYR A 346 -6.11 2.33 -15.86
CA TYR A 346 -7.09 1.29 -16.17
C TYR A 346 -8.12 1.75 -17.19
N ARG A 347 -8.40 3.05 -17.18
CA ARG A 347 -9.27 3.66 -18.17
C ARG A 347 -8.68 3.34 -19.57
N GLN A 348 -7.44 3.80 -19.74
CA GLN A 348 -6.74 3.67 -20.98
C GLN A 348 -6.46 2.22 -21.34
N LEU A 349 -6.44 1.35 -20.34
CA LEU A 349 -6.14 -0.04 -20.58
C LEU A 349 -7.33 -0.75 -21.10
N GLU A 350 -8.51 -0.32 -20.69
CA GLU A 350 -9.73 -1.07 -21.03
C GLU A 350 -10.01 -0.73 -22.49
N GLN A 351 -9.87 0.55 -22.85
CA GLN A 351 -9.82 0.96 -24.24
C GLN A 351 -8.90 0.03 -25.02
N MET A 352 -7.60 0.15 -24.78
CA MET A 352 -6.61 -0.62 -25.53
C MET A 352 -7.08 -2.02 -25.82
N LEU A 353 -7.63 -2.65 -24.81
CA LEU A 353 -8.01 -4.05 -24.95
C LEU A 353 -9.25 -4.20 -25.83
N GLN A 354 -10.22 -3.32 -25.58
CA GLN A 354 -11.55 -3.45 -26.16
C GLN A 354 -11.54 -3.14 -27.61
N GLY A 355 -10.75 -2.13 -27.93
CA GLY A 355 -10.44 -1.80 -29.29
C GLY A 355 -9.88 -2.94 -30.13
N ASN A 356 -9.45 -2.53 -31.30
CA ASN A 356 -9.01 -3.42 -32.36
C ASN A 356 -7.52 -3.29 -32.23
N TYR A 357 -6.87 -4.16 -31.47
CA TYR A 357 -5.48 -3.85 -31.13
C TYR A 357 -4.46 -4.95 -31.04
N GLY A 358 -4.88 -6.19 -30.88
CA GLY A 358 -3.92 -7.29 -30.87
C GLY A 358 -3.56 -7.78 -29.49
N TYR A 359 -3.93 -6.97 -28.49
CA TYR A 359 -3.76 -7.28 -27.07
C TYR A 359 -4.67 -8.44 -26.67
N GLN A 360 -4.18 -9.35 -25.86
CA GLN A 360 -4.95 -10.50 -25.36
C GLN A 360 -5.00 -10.51 -23.82
N ARG A 361 -6.12 -10.18 -23.21
CA ARG A 361 -6.25 -10.30 -21.76
C ARG A 361 -6.22 -11.74 -21.31
N LEU A 362 -5.21 -12.08 -20.51
CA LEU A 362 -5.07 -13.43 -19.97
C LEU A 362 -5.21 -13.37 -18.45
N TRP A 363 -5.13 -14.54 -17.83
CA TRP A 363 -5.36 -14.66 -16.42
C TRP A 363 -4.42 -15.66 -15.77
N ASN A 364 -3.78 -15.24 -14.67
CA ASN A 364 -2.99 -16.16 -13.89
C ASN A 364 -3.76 -16.68 -12.72
N ASP A 365 -4.03 -17.99 -12.75
CA ASP A 365 -4.89 -18.60 -11.76
C ASP A 365 -4.16 -18.82 -10.44
N LYS A 366 -2.86 -18.55 -10.40
CA LYS A 366 -2.10 -18.68 -9.14
C LYS A 366 -2.04 -17.34 -8.45
N THR A 367 -1.75 -16.31 -9.19
CA THR A 367 -1.63 -14.97 -8.62
C THR A 367 -2.96 -14.25 -8.50
N LYS A 368 -3.98 -14.79 -9.18
CA LYS A 368 -5.29 -14.18 -9.34
C LYS A 368 -5.20 -12.74 -9.83
N THR A 369 -4.32 -12.49 -10.80
CA THR A 369 -4.30 -11.21 -11.47
C THR A 369 -4.42 -11.34 -12.99
N PRO A 370 -4.88 -10.27 -13.66
CA PRO A 370 -4.94 -10.28 -15.07
C PRO A 370 -3.70 -9.66 -15.65
N TYR A 371 -3.49 -9.94 -16.93
CA TYR A 371 -2.41 -9.33 -17.72
C TYR A 371 -2.69 -9.37 -19.22
N LEU A 372 -2.40 -8.27 -19.92
CA LEU A 372 -2.44 -8.18 -21.36
C LEU A 372 -1.17 -8.68 -22.06
N TYR A 373 -1.37 -9.50 -23.07
CA TYR A 373 -0.26 -10.00 -23.91
C TYR A 373 -0.49 -9.61 -25.35
N HIS A 374 0.40 -8.82 -25.91
CA HIS A 374 0.43 -8.53 -27.35
C HIS A 374 1.45 -9.43 -28.03
N ALA A 375 0.99 -10.47 -28.74
CA ALA A 375 1.91 -11.43 -29.38
C ALA A 375 2.73 -10.84 -30.55
N GLN A 376 2.15 -9.97 -31.36
CA GLN A 376 2.87 -9.38 -32.50
C GLN A 376 4.09 -8.57 -32.08
N ASN A 377 3.87 -7.62 -31.17
CA ASN A 377 4.90 -6.67 -30.75
C ASN A 377 5.63 -6.99 -29.45
N GLY A 378 5.41 -8.18 -28.88
CA GLY A 378 6.08 -8.55 -27.62
C GLY A 378 5.92 -7.56 -26.43
N LEU A 379 4.66 -7.39 -26.04
CA LEU A 379 4.28 -6.47 -25.00
C LEU A 379 3.60 -7.21 -23.88
N PHE A 380 3.84 -6.74 -22.66
CA PHE A 380 3.25 -7.37 -21.47
C PHE A 380 2.80 -6.30 -20.46
N VAL A 381 1.60 -6.48 -19.94
CA VAL A 381 1.03 -5.46 -19.07
C VAL A 381 0.43 -6.08 -17.86
N THR A 382 0.90 -5.63 -16.70
CA THR A 382 0.38 -6.16 -15.42
C THR A 382 -0.42 -5.10 -14.74
N TYR A 383 -1.60 -5.49 -14.29
CA TYR A 383 -2.59 -4.55 -13.83
C TYR A 383 -3.66 -5.25 -13.05
N ASP A 384 -4.58 -4.44 -12.53
CA ASP A 384 -5.68 -5.02 -11.76
C ASP A 384 -6.99 -4.52 -12.33
N ASP A 385 -7.98 -5.42 -12.17
CA ASP A 385 -9.36 -5.15 -12.57
C ASP A 385 -10.40 -5.69 -11.58
N ALA A 386 -11.66 -5.36 -11.85
CA ALA A 386 -12.75 -5.80 -11.00
C ALA A 386 -12.78 -7.30 -10.80
N GLU A 387 -12.12 -8.06 -11.64
CA GLU A 387 -12.08 -9.50 -11.41
C GLU A 387 -11.09 -9.91 -10.33
N SER A 388 -9.91 -9.28 -10.31
CA SER A 388 -8.87 -9.65 -9.34
C SER A 388 -9.30 -9.05 -8.01
N PHE A 389 -9.86 -7.84 -8.07
CA PHE A 389 -10.41 -7.15 -6.90
C PHE A 389 -11.36 -7.96 -6.01
N LYS A 390 -11.95 -9.03 -6.53
CA LYS A 390 -12.84 -9.90 -5.75
C LYS A 390 -12.03 -10.72 -4.78
N TYR A 391 -10.89 -11.23 -5.27
CA TYR A 391 -9.98 -12.10 -4.50
C TYR A 391 -9.24 -11.26 -3.47
N LYS A 392 -8.95 -10.02 -3.83
CA LYS A 392 -8.35 -9.09 -2.90
C LYS A 392 -9.39 -8.58 -1.84
N ALA A 393 -10.63 -8.48 -2.28
CA ALA A 393 -11.73 -8.17 -1.36
C ALA A 393 -11.98 -9.33 -0.39
N LYS A 394 -11.94 -10.57 -0.86
CA LYS A 394 -12.08 -11.71 0.09
C LYS A 394 -10.99 -11.69 1.15
N TYR A 395 -9.76 -11.43 0.71
CA TYR A 395 -8.59 -11.52 1.58
C TYR A 395 -8.71 -10.49 2.69
N ILE A 396 -9.07 -9.29 2.30
CA ILE A 396 -9.27 -8.24 3.28
C ILE A 396 -10.23 -8.73 4.36
N LYS A 397 -11.33 -9.38 3.96
CA LYS A 397 -12.30 -9.86 4.91
C LYS A 397 -11.69 -10.98 5.74
N GLN A 398 -11.31 -12.08 5.09
CA GLN A 398 -10.73 -13.22 5.79
C GLN A 398 -9.66 -12.84 6.83
N GLN A 399 -8.76 -11.92 6.48
CA GLN A 399 -7.63 -11.56 7.32
C GLN A 399 -7.93 -10.41 8.24
N GLN A 400 -9.14 -9.87 8.13
CA GLN A 400 -9.64 -8.86 9.04
C GLN A 400 -8.80 -7.60 9.02
N LEU A 401 -8.55 -7.13 7.81
CA LEU A 401 -7.82 -5.91 7.59
C LEU A 401 -8.76 -4.73 7.63
N GLY A 402 -8.20 -3.55 7.73
CA GLY A 402 -8.98 -2.35 7.81
C GLY A 402 -9.70 -1.96 6.53
N GLY A 403 -9.21 -2.41 5.38
CA GLY A 403 -9.86 -2.16 4.08
C GLY A 403 -8.91 -2.03 2.91
N VAL A 404 -9.12 -1.00 2.08
CA VAL A 404 -8.47 -0.92 0.80
C VAL A 404 -8.08 0.49 0.51
N MET A 405 -6.94 0.61 -0.15
CA MET A 405 -6.49 1.89 -0.69
C MET A 405 -6.21 1.67 -2.17
N PHE A 406 -6.16 2.75 -2.96
CA PHE A 406 -5.76 2.62 -4.36
C PHE A 406 -5.23 3.88 -4.93
N TRP A 407 -4.40 3.72 -5.94
CA TRP A 407 -3.85 4.88 -6.61
C TRP A 407 -4.09 4.75 -8.12
N HIS A 408 -4.85 5.67 -8.70
CA HIS A 408 -5.62 6.66 -7.98
C HIS A 408 -6.97 6.84 -8.65
N LEU A 409 -7.75 7.79 -8.16
CA LEU A 409 -9.17 7.90 -8.54
C LEU A 409 -9.29 8.40 -9.99
N GLY A 410 -8.48 9.41 -10.30
CA GLY A 410 -8.31 9.95 -11.66
C GLY A 410 -7.81 9.00 -12.75
N GLN A 411 -7.64 7.72 -12.42
CA GLN A 411 -7.28 6.66 -13.38
C GLN A 411 -8.36 5.60 -13.44
N ASP A 412 -9.46 5.82 -12.73
CA ASP A 412 -10.59 4.91 -12.91
C ASP A 412 -11.26 5.42 -14.19
N ASN A 413 -12.21 4.69 -14.75
CA ASN A 413 -12.96 5.30 -15.85
C ASN A 413 -13.94 6.42 -15.40
N ARG A 414 -14.65 7.04 -16.37
CA ARG A 414 -15.57 8.15 -16.07
C ARG A 414 -16.80 7.70 -15.28
N ASN A 415 -17.21 6.44 -15.49
CA ASN A 415 -18.28 5.78 -14.70
C ASN A 415 -17.82 5.38 -13.30
N GLY A 416 -16.61 4.82 -13.24
CA GLY A 416 -15.96 4.51 -11.98
C GLY A 416 -16.29 3.12 -11.50
N ASP A 417 -16.13 2.14 -12.37
CA ASP A 417 -16.53 0.78 -12.05
C ASP A 417 -15.52 0.03 -11.21
N LEU A 418 -14.29 0.55 -11.11
CA LEU A 418 -13.34 -0.14 -10.21
C LEU A 418 -13.73 0.20 -8.78
N LEU A 419 -13.90 1.49 -8.56
CA LEU A 419 -14.35 2.00 -7.28
C LEU A 419 -15.64 1.37 -6.85
N ALA A 420 -16.52 1.14 -7.81
CA ALA A 420 -17.84 0.63 -7.55
C ALA A 420 -17.76 -0.86 -7.27
N ALA A 421 -16.76 -1.51 -7.85
CA ALA A 421 -16.61 -2.94 -7.69
C ALA A 421 -16.11 -3.25 -6.27
N LEU A 422 -15.28 -2.36 -5.73
CA LEU A 422 -14.78 -2.58 -4.40
C LEU A 422 -15.95 -2.39 -3.45
N ASP A 423 -16.55 -1.20 -3.52
CA ASP A 423 -17.71 -0.87 -2.71
C ASP A 423 -18.72 -2.03 -2.70
N ARG A 424 -18.87 -2.69 -3.83
CA ARG A 424 -19.78 -3.82 -3.95
C ARG A 424 -19.33 -5.00 -3.12
N TYR A 425 -18.04 -5.26 -3.09
CA TYR A 425 -17.53 -6.52 -2.54
C TYR A 425 -17.53 -6.55 -1.01
N PHE A 426 -17.51 -5.35 -0.44
CA PHE A 426 -17.62 -5.18 0.99
C PHE A 426 -19.07 -4.96 1.41
N ASN A 427 -19.67 -3.89 0.86
CA ASN A 427 -20.95 -3.39 1.31
C ASN A 427 -22.15 -4.13 0.68
N ALA A 428 -22.50 -3.82 -0.57
CA ALA A 428 -23.69 -4.39 -1.24
C ALA A 428 -24.18 -5.76 -0.70
N ALA A 429 -25.41 -5.77 -0.16
CA ALA A 429 -25.96 -6.91 0.59
C ALA A 429 -26.32 -8.06 -0.32
N ASP A 430 -26.70 -7.71 -1.54
CA ASP A 430 -26.97 -8.68 -2.60
C ASP A 430 -25.74 -9.51 -2.95
N TYR A 431 -24.56 -8.87 -2.93
CA TYR A 431 -23.28 -9.50 -3.32
C TYR A 431 -22.82 -10.56 -2.30
N ASP A 432 -22.21 -11.62 -2.80
CA ASP A 432 -21.67 -12.70 -1.98
C ASP A 432 -20.38 -13.26 -2.61
N ASP A 433 -19.44 -13.69 -1.77
CA ASP A 433 -18.16 -14.23 -2.24
C ASP A 433 -17.62 -15.42 -1.38
N SER A 434 -18.52 -16.19 -0.78
CA SER A 434 -18.12 -17.22 0.16
C SER A 434 -17.62 -18.45 -0.55
N GLN A 435 -18.10 -18.66 -1.78
CA GLN A 435 -17.75 -19.86 -2.54
C GLN A 435 -16.48 -19.67 -3.37
N LEU A 436 -16.13 -18.39 -3.61
CA LEU A 436 -14.92 -17.97 -4.34
C LEU A 436 -13.69 -18.76 -3.95
N ASP A 437 -13.03 -19.34 -4.95
CA ASP A 437 -11.84 -20.17 -4.72
C ASP A 437 -10.55 -19.30 -4.81
N MET A 438 -9.82 -19.26 -3.70
CA MET A 438 -8.61 -18.47 -3.60
C MET A 438 -7.45 -19.16 -4.34
N GLY A 439 -7.54 -20.49 -4.49
CA GLY A 439 -6.66 -21.24 -5.40
C GLY A 439 -5.51 -21.91 -4.67
N THR A 440 -4.58 -22.51 -5.43
CA THR A 440 -3.38 -23.13 -4.88
C THR A 440 -2.12 -22.28 -5.07
N GLY A 441 -2.30 -20.98 -5.24
CA GLY A 441 -1.16 -20.07 -5.17
C GLY A 441 -0.39 -20.19 -3.86
N LEU A 442 0.91 -19.88 -3.93
CA LEU A 442 1.80 -19.98 -2.77
C LEU A 442 1.51 -18.90 -1.75
N ARG A 443 1.30 -19.35 -0.52
CA ARG A 443 1.12 -18.42 0.59
C ARG A 443 2.45 -18.11 1.27
N TYR A 444 2.56 -16.90 1.79
CA TYR A 444 3.64 -16.64 2.74
C TYR A 444 3.35 -17.34 4.05
N THR A 445 4.14 -18.33 4.42
CA THR A 445 3.90 -19.11 5.65
C THR A 445 4.59 -18.61 6.93
N GLY A 446 5.28 -17.49 6.80
CA GLY A 446 6.03 -16.98 7.91
C GLY A 446 5.18 -16.80 9.16
N VAL A 447 5.71 -17.20 10.32
CA VAL A 447 5.06 -16.91 11.60
C VAL A 447 5.96 -16.02 12.47
N GLY A 448 5.37 -14.97 13.06
CA GLY A 448 6.04 -14.12 14.03
C GLY A 448 5.27 -14.01 15.34
N PRO A 449 5.74 -13.16 16.25
CA PRO A 449 5.09 -13.06 17.53
C PRO A 449 3.76 -12.32 17.48
N GLY A 450 3.44 -11.63 16.39
CA GLY A 450 2.14 -10.95 16.26
C GLY A 450 1.04 -11.80 15.62
N ASN A 451 1.36 -12.93 15.02
CA ASN A 451 0.35 -13.74 14.35
C ASN A 451 0.51 -15.22 14.70
N LEU A 452 0.65 -15.50 15.99
CA LEU A 452 0.75 -16.89 16.46
C LEU A 452 -0.56 -17.70 16.29
N PRO A 453 -0.49 -18.86 15.61
CA PRO A 453 -1.70 -19.67 15.46
C PRO A 453 -2.17 -20.31 16.75
N ILE A 454 -3.47 -20.53 16.85
CA ILE A 454 -4.05 -21.26 17.96
C ILE A 454 -3.61 -22.72 17.87
N MET A 455 -3.12 -23.26 18.98
CA MET A 455 -2.70 -24.65 19.00
C MET A 455 -3.08 -25.28 20.34
N THR A 456 -2.86 -26.59 20.45
CA THR A 456 -2.90 -27.28 21.74
C THR A 456 -1.80 -28.30 21.82
N ALA A 457 -1.55 -28.74 23.05
CA ALA A 457 -0.56 -29.75 23.33
C ALA A 457 -0.67 -30.19 24.79
N PRO A 458 -0.20 -31.41 25.08
CA PRO A 458 -0.17 -31.81 26.49
C PRO A 458 0.50 -30.74 27.38
N ALA A 459 0.00 -30.56 28.58
CA ALA A 459 0.56 -29.60 29.47
C ALA A 459 1.97 -30.05 29.77
N TYR A 460 2.90 -29.09 29.84
CA TYR A 460 4.27 -29.31 30.33
C TYR A 460 4.22 -29.93 31.72
N VAL A 461 5.10 -30.90 31.97
CA VAL A 461 5.27 -31.53 33.30
C VAL A 461 6.73 -31.48 33.74
N PRO A 462 7.03 -30.78 34.85
CA PRO A 462 8.42 -30.73 35.31
C PRO A 462 8.98 -32.13 35.56
N GLY A 463 10.27 -32.33 35.28
CA GLY A 463 10.88 -33.64 35.45
C GLY A 463 10.83 -34.49 34.22
N THR A 464 9.94 -34.15 33.28
CA THR A 464 9.87 -34.86 32.00
C THR A 464 10.97 -34.42 31.00
N THR A 465 11.59 -35.40 30.31
CA THR A 465 12.63 -35.13 29.33
C THR A 465 12.03 -35.03 27.94
N TYR A 466 12.20 -33.88 27.32
CA TYR A 466 11.51 -33.62 26.07
C TYR A 466 12.52 -33.66 24.92
N ALA A 467 12.21 -34.48 23.95
CA ALA A 467 13.02 -34.67 22.78
C ALA A 467 12.85 -33.46 21.84
N GLN A 468 13.79 -33.31 20.91
CA GLN A 468 13.68 -32.41 19.83
C GLN A 468 12.30 -32.55 19.17
N GLY A 469 11.54 -31.44 19.13
CA GLY A 469 10.31 -31.36 18.38
C GLY A 469 9.09 -31.47 19.24
N ALA A 470 9.27 -31.82 20.48
CA ALA A 470 8.12 -32.00 21.31
C ALA A 470 7.41 -30.67 21.52
N LEU A 471 6.10 -30.76 21.62
CA LEU A 471 5.23 -29.65 21.87
C LEU A 471 4.55 -29.76 23.22
N VAL A 472 4.53 -28.65 23.98
CA VAL A 472 3.80 -28.59 25.24
C VAL A 472 3.06 -27.26 25.44
N SER A 473 2.12 -27.25 26.40
CA SER A 473 1.34 -26.08 26.75
C SER A 473 1.90 -25.55 28.01
N TYR A 474 1.99 -24.23 28.16
CA TYR A 474 2.56 -23.64 29.37
C TYR A 474 2.35 -22.12 29.40
N GLN A 475 1.71 -21.66 30.47
CA GLN A 475 1.39 -20.26 30.69
C GLN A 475 0.74 -19.57 29.46
N GLY A 476 -0.24 -20.23 28.88
CA GLY A 476 -1.05 -19.63 27.83
C GLY A 476 -0.56 -19.90 26.43
N TYR A 477 0.63 -20.47 26.32
CA TYR A 477 1.21 -20.62 24.99
C TYR A 477 1.57 -22.07 24.76
N VAL A 478 1.68 -22.43 23.47
CA VAL A 478 2.28 -23.69 23.07
C VAL A 478 3.72 -23.48 22.62
N TRP A 479 4.59 -24.38 23.10
CA TRP A 479 6.05 -24.30 22.92
C TRP A 479 6.64 -25.56 22.28
N GLN A 480 7.83 -25.44 21.73
CA GLN A 480 8.43 -26.52 20.98
C GLN A 480 9.90 -26.53 21.28
N THR A 481 10.47 -27.71 21.47
CA THR A 481 11.89 -27.83 21.77
C THR A 481 12.65 -27.76 20.47
N LYS A 482 13.73 -26.99 20.50
CA LYS A 482 14.61 -26.86 19.31
C LYS A 482 15.59 -28.00 19.24
N TRP A 483 16.03 -28.51 20.39
CA TRP A 483 16.85 -29.74 20.43
C TRP A 483 16.37 -30.52 21.61
N GLY A 484 16.94 -31.71 21.81
CA GLY A 484 16.68 -32.50 23.03
C GLY A 484 17.95 -32.82 23.81
N TYR A 485 17.84 -33.29 25.05
CA TYR A 485 16.56 -33.49 25.77
C TYR A 485 16.50 -32.34 26.73
N ILE A 486 15.30 -31.80 26.93
CA ILE A 486 15.15 -30.56 27.64
C ILE A 486 14.33 -30.83 28.81
N THR A 487 14.70 -30.25 29.95
CA THR A 487 13.85 -30.33 31.15
C THR A 487 13.40 -29.01 31.71
N SER A 488 13.98 -27.93 31.22
CA SER A 488 13.66 -26.62 31.75
C SER A 488 12.22 -26.27 31.46
N ALA A 489 11.69 -25.38 32.30
CA ALA A 489 10.34 -24.79 32.08
C ALA A 489 10.31 -23.99 30.78
N PRO A 490 9.31 -24.21 29.94
CA PRO A 490 9.20 -23.49 28.69
C PRO A 490 9.31 -21.99 28.86
N GLY A 491 10.21 -21.41 28.09
CA GLY A 491 10.39 -19.97 28.06
C GLY A 491 11.53 -19.49 28.91
N SER A 492 12.13 -20.41 29.64
CA SER A 492 13.07 -20.00 30.66
C SER A 492 14.48 -19.99 30.10
N ASP A 493 14.66 -20.55 28.91
CA ASP A 493 16.00 -20.61 28.27
C ASP A 493 15.85 -20.72 26.77
N SER A 494 16.97 -20.72 26.08
CA SER A 494 16.94 -20.63 24.65
C SER A 494 16.50 -21.89 23.93
N ALA A 495 16.22 -22.98 24.68
CA ALA A 495 15.87 -24.28 24.05
C ALA A 495 14.46 -24.34 23.60
N TRP A 496 13.65 -23.45 24.14
CA TRP A 496 12.24 -23.41 23.82
C TRP A 496 11.88 -22.36 22.78
N LEU A 497 10.93 -22.70 21.91
CA LEU A 497 10.44 -21.81 20.90
C LEU A 497 8.95 -21.69 21.10
N LYS A 498 8.46 -20.46 21.21
CA LYS A 498 7.03 -20.21 21.32
C LYS A 498 6.46 -20.33 19.89
N VAL A 499 5.64 -21.37 19.66
CA VAL A 499 5.13 -21.64 18.33
C VAL A 499 3.64 -21.36 18.15
N GLY A 500 2.89 -21.23 19.25
CA GLY A 500 1.48 -20.91 19.15
C GLY A 500 0.86 -20.51 20.48
N ARG A 501 -0.41 -20.13 20.44
CA ARG A 501 -1.13 -19.75 21.67
C ARG A 501 -2.37 -20.63 21.95
N LEU A 502 -2.83 -20.56 23.20
CA LEU A 502 -3.88 -21.46 23.66
C LEU A 502 -5.25 -20.85 23.54
N ALA A 503 -6.22 -21.76 23.37
CA ALA A 503 -7.65 -21.52 23.54
C ALA A 503 -8.11 -20.41 22.64
N1 M6V B . 4.07 6.08 -11.68
C2 M6V B . 4.93 9.80 -14.04
N3 M6V B . 2.32 4.33 -6.22
C4 M6V B . 4.94 10.61 -11.58
C5 M6V B . 4.01 10.69 -10.35
C6 M6V B . 3.38 12.09 -10.19
C21 M6V B . 0.53 7.08 -2.53
N5 M6V B . 1.77 6.98 -3.28
C20 M6V B . 1.87 5.95 -4.12
O5 M6V B . 0.88 5.18 -4.29
N4 M6V B . 3.05 5.87 -4.73
C19 M6V B . 3.25 5.08 -5.78
N2 M6V B . 4.45 5.07 -6.36
C16 M6V B . 3.74 4.21 -10.12
C15 M6V B . 3.09 5.09 -11.21
C14 M6V B . 3.75 7.31 -12.05
O4 M6V B . 2.60 7.65 -12.24
O3 M6V B . 4.78 8.29 -12.10
C3 M6V B . 4.41 9.58 -12.58
C31 M6V B . 6.42 10.32 -11.30
C30 M6V B . 3.97 9.10 -15.01
C1 M6V B . 5.08 11.24 -14.46
O1 M6V B . 4.15 11.82 -14.97
O2 M6V B . 6.31 11.98 -14.25
C13 M6V B . 6.50 13.21 -14.95
C28 M6V B . 7.63 13.04 -15.98
C29 M6V B . 7.21 12.01 -17.03
C12 M6V B . 6.83 14.30 -13.94
O10 M6V B . 7.24 15.47 -14.63
C35 M6V B . 8.08 13.94 -13.13
C11 M6V B . 5.48 14.48 -13.15
C10 M6V B . 5.58 15.06 -11.73
C34 M6V B . 6.38 16.36 -11.61
O9 M6V B . 4.46 15.19 -13.87
C25 M6V B . 3.13 15.08 -13.35
C26 M6V B . 2.28 14.10 -14.16
C27 M6V B . 2.48 16.46 -13.46
O8 M6V B . 3.12 14.64 -11.98
C9 M6V B . 4.16 15.21 -11.14
C8 M6V B . 4.04 14.58 -9.72
C33 M6V B . 4.86 15.39 -8.70
C7 M6V B . 4.42 13.08 -9.65
O7 M6V B . 2.84 12.50 -11.44
C32 M6V B . 2.23 11.95 -9.20
O6 M6V B . 4.69 10.36 -9.11
C22 M6V B . 4.72 8.95 -8.92
C23 M6V B . 3.46 8.52 -8.36
C24 M6V B . 2.38 8.14 -7.85
C17 M6V B . 3.52 4.69 -8.68
C18 M6V B . 4.61 4.32 -7.63
N1 M6V C . 17.75 -4.21 -8.65
C2 M6V C . 15.31 -1.27 -7.79
N3 M6V C . 14.20 -4.83 -5.40
C4 M6V C . 17.17 0.34 -8.44
C5 M6V C . 18.68 0.57 -8.61
C6 M6V C . 19.13 1.81 -7.84
C21 M6V C . 9.43 -3.03 -5.43
N5 M6V C . 10.13 -4.22 -5.90
C20 M6V C . 11.39 -4.45 -5.57
O5 M6V C . 11.87 -3.74 -4.69
N4 M6V C . 12.08 -5.38 -6.25
C19 M6V C . 13.41 -5.60 -6.06
N2 M6V C . 13.96 -6.75 -6.47
C16 M6V C . 16.13 -6.03 -8.31
C15 M6V C . 17.47 -5.63 -8.88
C14 M6V C . 17.02 -3.26 -9.20
O4 M6V C . 16.05 -3.50 -9.91
O3 M6V C . 17.47 -1.89 -8.97
C3 M6V C . 16.83 -1.08 -7.98
C31 M6V C . 16.43 0.76 -9.73
C30 M6V C . 14.90 -2.55 -7.07
C1 M6V C . 14.71 -0.13 -7.00
O1 M6V C . 14.72 -0.18 -5.78
O2 M6V C . 14.13 1.02 -7.69
C13 M6V C . 13.37 2.00 -6.98
C28 M6V C . 11.90 1.86 -7.41
C29 M6V C . 11.31 0.50 -7.12
C12 M6V C . 13.89 3.44 -7.23
O10 M6V C . 13.03 4.36 -6.52
C35 M6V C . 13.80 3.75 -8.75
C11 M6V C . 15.33 3.65 -6.66
C10 M6V C . 16.16 4.79 -7.30
C34 M6V C . 15.53 6.18 -7.13
O9 M6V C . 15.31 3.92 -5.26
C25 M6V C . 16.60 3.87 -4.60
C26 M6V C . 16.76 2.54 -3.87
C27 M6V C . 16.59 5.02 -3.61
O8 M6V C . 17.70 4.01 -5.51
C9 M6V C . 17.58 4.81 -6.72
C8 M6V C . 18.66 4.40 -7.75
C33 M6V C . 18.81 5.44 -8.87
C7 M6V C . 18.40 3.04 -8.40
O7 M6V C . 18.79 1.53 -6.46
C32 M6V C . 20.63 2.01 -7.98
O6 M6V C . 19.01 0.73 -9.99
C22 M6V C . 19.73 -0.36 -10.57
C23 M6V C . 18.81 -1.17 -11.40
C24 M6V C . 18.05 -1.97 -12.08
C17 M6V C . 16.15 -7.33 -7.50
C18 M6V C . 15.36 -7.12 -6.20
#